data_4XG2
#
_entry.id   4XG2
#
_cell.length_a   40.189
_cell.length_b   84.799
_cell.length_c   41.406
_cell.angle_alpha   90.00
_cell.angle_beta   98.74
_cell.angle_gamma   90.00
#
_symmetry.space_group_name_H-M   'P 1 21 1'
#
loop_
_entity.id
_entity.type
_entity.pdbx_description
1 polymer 'Tyrosine-protein kinase SYK'
2 water water
#
_entity_poly.entity_id   1
_entity_poly.type   'polypeptide(L)'
_entity_poly.pdbx_seq_one_letter_code
;EEIRPKEVYLDRKLLTLEDKELGSGNFGTVKKGYYQMKKVVKTVAVKILKNEANDPALKDELLAEANVMQQLDNPYIVRM
IGICEAESWMLVMEMAELGPLNKYLQQNRHVKDKNIIELVHQVSMGMKYLEESNFVHRDLAARNVLLVTQHYAKISDFGL
SKALRADENYYKAQTHGKWPVKWYAPECINYYKFSSKSDVWSFGVLMWEAFSYGQKPYRGMKGSEVTAMLEKGERMGCPA
GCPREMYDLMNLCWTYDVENRPGFAAVELRLRNYYYDVVNLEHHHHHHHH
;
_entity_poly.pdbx_strand_id   A
#
# COMPACT_ATOMS: atom_id res chain seq x y z
N TYR A 9 19.64 15.18 -1.50
CA TYR A 9 20.79 14.53 -2.14
C TYR A 9 21.79 14.09 -1.09
N LEU A 10 21.84 12.78 -0.87
CA LEU A 10 22.60 12.19 0.21
C LEU A 10 24.07 11.98 -0.13
N ASP A 11 24.88 11.99 0.92
CA ASP A 11 26.32 11.84 0.81
C ASP A 11 26.66 10.35 0.84
N ARG A 12 27.25 9.86 -0.26
CA ARG A 12 27.59 8.45 -0.39
C ARG A 12 28.52 7.94 0.71
N LYS A 13 29.41 8.80 1.20
CA LYS A 13 30.34 8.42 2.27
C LYS A 13 29.68 8.28 3.65
N LEU A 14 28.49 8.87 3.80
CA LEU A 14 27.69 8.72 5.02
C LEU A 14 26.75 7.51 4.98
N LEU A 15 26.86 6.71 3.91
CA LEU A 15 26.03 5.53 3.74
C LEU A 15 26.88 4.25 3.82
N THR A 16 26.44 3.31 4.64
CA THR A 16 27.09 2.02 4.79
C THR A 16 26.10 0.93 4.39
N LEU A 17 26.42 0.18 3.34
CA LEU A 17 25.53 -0.87 2.86
C LEU A 17 25.93 -2.24 3.38
N GLU A 18 24.92 -3.08 3.61
CA GLU A 18 25.13 -4.51 3.90
C GLU A 18 25.69 -5.18 2.65
N GLU A 21 20.90 -9.08 0.45
CA GLU A 21 19.80 -8.48 -0.30
C GLU A 21 18.45 -8.88 0.33
N LEU A 22 17.44 -8.01 0.20
CA LEU A 22 16.09 -8.26 0.71
C LEU A 22 15.08 -8.68 -0.35
N GLY A 23 14.83 -7.80 -1.33
CA GLY A 23 13.84 -8.05 -2.40
C GLY A 23 14.34 -7.54 -3.73
N SER A 24 14.50 -8.44 -4.69
CA SER A 24 15.04 -8.05 -5.98
C SER A 24 14.08 -8.15 -7.12
N THR A 29 19.45 -5.47 -4.92
CA THR A 29 18.72 -4.38 -5.52
C THR A 29 17.97 -3.62 -4.42
N VAL A 30 17.64 -4.29 -3.34
CA VAL A 30 17.26 -3.66 -2.11
C VAL A 30 18.07 -4.21 -1.01
N LYS A 31 18.84 -3.38 -0.36
CA LYS A 31 19.71 -3.83 0.66
C LYS A 31 19.46 -3.03 1.89
N LYS A 32 19.66 -3.65 3.03
CA LYS A 32 19.65 -2.88 4.27
C LYS A 32 20.95 -2.08 4.33
N GLY A 33 20.87 -0.88 4.89
CA GLY A 33 22.05 -0.06 5.10
C GLY A 33 21.90 0.81 6.32
N TYR A 34 22.84 1.75 6.46
CA TYR A 34 22.84 2.67 7.59
C TYR A 34 23.31 4.03 7.10
N TYR A 35 22.56 5.08 7.42
CA TYR A 35 22.94 6.43 7.06
C TYR A 35 23.23 7.24 8.31
N GLN A 36 24.45 7.77 8.41
CA GLN A 36 24.86 8.59 9.54
C GLN A 36 24.14 9.93 9.51
N MET A 37 23.23 10.12 10.46
CA MET A 37 22.63 11.43 10.71
C MET A 37 23.59 12.26 11.55
N LYS A 38 23.17 13.36 12.10
CA LYS A 38 24.14 14.15 12.83
C LYS A 38 24.88 13.40 13.96
N LYS A 39 24.21 12.61 14.78
CA LYS A 39 24.93 11.89 15.83
C LYS A 39 24.62 10.43 15.87
N VAL A 40 23.43 10.13 15.44
CA VAL A 40 22.96 8.75 15.42
C VAL A 40 22.93 8.19 13.99
N VAL A 41 23.16 6.89 13.90
CA VAL A 41 23.05 6.14 12.67
C VAL A 41 21.59 5.71 12.51
N LYS A 42 21.05 5.86 11.30
CA LYS A 42 19.69 5.42 10.98
C LYS A 42 19.76 4.23 10.04
N THR A 43 19.15 3.11 10.45
CA THR A 43 18.98 1.94 9.60
C THR A 43 18.06 2.30 8.43
N VAL A 44 18.41 1.85 7.23
CA VAL A 44 17.66 2.21 6.02
C VAL A 44 17.51 1.05 5.05
N ALA A 45 16.46 1.11 4.24
CA ALA A 45 16.27 0.20 3.11
C ALA A 45 16.61 0.97 1.85
N VAL A 46 17.53 0.41 1.06
CA VAL A 46 18.08 1.10 -0.11
C VAL A 46 17.66 0.38 -1.37
N LYS A 47 16.84 1.05 -2.18
CA LYS A 47 16.47 0.56 -3.52
C LYS A 47 17.53 0.98 -4.53
N ILE A 48 18.28 0.00 -4.96
CA ILE A 48 19.43 0.25 -5.76
C ILE A 48 19.09 -0.11 -7.17
N LEU A 49 19.34 0.79 -8.06
CA LEU A 49 18.87 0.65 -9.42
C LEU A 49 20.02 0.27 -10.31
N LYS A 50 19.83 -0.76 -11.12
CA LYS A 50 20.89 -1.15 -12.06
C LYS A 50 20.68 -0.96 -13.56
N ASN A 51 21.55 -0.14 -14.16
CA ASN A 51 21.58 0.35 -15.58
C ASN A 51 20.29 0.19 -16.41
N PRO A 56 17.94 1.58 -19.44
CA PRO A 56 17.59 2.67 -20.36
C PRO A 56 16.99 3.90 -19.63
N ALA A 57 15.66 4.01 -19.56
CA ALA A 57 14.98 5.16 -18.95
C ALA A 57 14.25 4.72 -17.67
N LEU A 58 14.83 3.73 -17.00
CA LEU A 58 14.34 3.26 -15.71
C LEU A 58 14.82 4.23 -14.63
N LYS A 59 15.81 5.07 -14.99
CA LYS A 59 16.24 6.21 -14.19
C LYS A 59 15.08 7.16 -13.89
N ASP A 60 14.39 7.60 -14.94
CA ASP A 60 13.23 8.48 -14.81
C ASP A 60 12.16 7.93 -13.86
N GLU A 61 11.99 6.60 -13.88
CA GLU A 61 11.01 5.92 -13.04
C GLU A 61 11.37 6.00 -11.55
N LEU A 62 12.61 5.65 -11.21
CA LEU A 62 13.09 5.79 -9.83
C LEU A 62 12.95 7.24 -9.37
N LEU A 63 13.38 8.17 -10.22
CA LEU A 63 13.31 9.61 -9.90
C LEU A 63 11.89 10.12 -9.72
N ALA A 64 10.96 9.61 -10.53
CA ALA A 64 9.54 9.91 -10.39
C ALA A 64 9.03 9.40 -9.04
N GLU A 65 9.42 8.17 -8.69
CA GLU A 65 9.06 7.58 -7.40
C GLU A 65 9.59 8.44 -6.24
N ALA A 66 10.86 8.83 -6.32
CA ALA A 66 11.48 9.73 -5.34
C ALA A 66 10.78 11.09 -5.29
N ASN A 67 10.45 11.61 -6.47
CA ASN A 67 9.71 12.87 -6.57
C ASN A 67 8.38 12.81 -5.82
N VAL A 68 7.66 11.71 -5.96
CA VAL A 68 6.42 11.49 -5.21
C VAL A 68 6.67 11.41 -3.70
N MET A 69 7.59 10.54 -3.29
CA MET A 69 7.82 10.27 -1.86
C MET A 69 8.29 11.50 -1.10
N GLN A 70 9.12 12.30 -1.76
CA GLN A 70 9.58 13.59 -1.26
C GLN A 70 8.45 14.54 -0.85
N GLN A 71 7.31 14.48 -1.54
CA GLN A 71 6.16 15.34 -1.24
C GLN A 71 5.31 14.82 -0.09
N LEU A 72 5.53 13.57 0.34
CA LEU A 72 4.67 12.92 1.34
C LEU A 72 5.31 12.89 2.73
N ASP A 73 4.47 13.13 3.74
CA ASP A 73 4.89 13.22 5.12
C ASP A 73 3.73 12.78 6.00
N ASN A 74 3.77 11.52 6.43
CA ASN A 74 2.69 10.93 7.21
C ASN A 74 3.23 9.71 7.97
N PRO A 75 2.78 9.50 9.22
CA PRO A 75 3.31 8.36 9.98
C PRO A 75 2.97 6.97 9.41
N TYR A 76 1.94 6.89 8.56
CA TYR A 76 1.52 5.61 7.96
C TYR A 76 1.99 5.43 6.52
N ILE A 77 2.99 6.22 6.13
CA ILE A 77 3.62 6.09 4.84
C ILE A 77 5.12 6.01 5.06
N VAL A 78 5.77 5.07 4.36
CA VAL A 78 7.23 4.97 4.37
C VAL A 78 7.88 6.31 3.99
N ARG A 79 8.85 6.72 4.74
CA ARG A 79 9.50 7.97 4.51
C ARG A 79 10.73 7.80 3.63
N MET A 80 10.93 8.69 2.69
CA MET A 80 12.15 8.73 1.91
C MET A 80 13.17 9.55 2.64
N ILE A 81 14.38 9.04 2.79
CA ILE A 81 15.46 9.78 3.43
C ILE A 81 16.08 10.71 2.38
N GLY A 82 16.42 10.13 1.23
CA GLY A 82 16.90 10.92 0.11
C GLY A 82 17.36 10.07 -1.05
N ILE A 83 18.00 10.71 -2.01
CA ILE A 83 18.53 10.07 -3.20
C ILE A 83 20.03 10.11 -3.09
N CYS A 84 20.68 9.02 -3.48
CA CYS A 84 22.13 8.98 -3.50
C CYS A 84 22.62 8.56 -4.87
N GLU A 85 23.39 9.44 -5.49
CA GLU A 85 23.98 9.20 -6.80
C GLU A 85 25.44 8.83 -6.68
N ALA A 86 25.77 7.65 -7.13
CA ALA A 86 26.98 7.00 -6.76
C ALA A 86 27.15 5.84 -7.71
N GLU A 87 27.83 4.81 -7.30
CA GLU A 87 28.21 3.76 -8.22
C GLU A 87 26.93 3.20 -8.81
N SER A 88 25.83 3.39 -8.10
CA SER A 88 24.51 3.25 -8.67
C SER A 88 23.59 4.37 -8.21
N TRP A 89 22.49 4.60 -8.92
CA TRP A 89 21.38 5.32 -8.35
C TRP A 89 20.68 4.54 -7.26
N MET A 90 20.45 5.23 -6.16
CA MET A 90 19.92 4.61 -4.96
C MET A 90 18.82 5.47 -4.36
N LEU A 91 17.70 4.87 -4.03
CA LEU A 91 16.70 5.57 -3.30
C LEU A 91 16.70 5.08 -1.85
N VAL A 92 16.93 5.99 -0.92
CA VAL A 92 17.11 5.65 0.46
C VAL A 92 15.89 5.96 1.28
N MET A 93 15.36 4.93 1.89
CA MET A 93 14.12 5.03 2.66
C MET A 93 14.33 4.47 4.06
N GLU A 94 13.38 4.79 4.94
CA GLU A 94 13.36 4.23 6.29
C GLU A 94 13.05 2.73 6.23
N MET A 95 13.53 2.01 7.24
CA MET A 95 13.44 0.55 7.27
C MET A 95 12.24 0.10 8.09
N ALA A 96 11.43 -0.77 7.50
CA ALA A 96 10.33 -1.45 8.20
C ALA A 96 10.78 -2.88 8.43
N GLU A 97 11.18 -3.19 9.66
CA GLU A 97 11.97 -4.39 9.96
C GLU A 97 11.17 -5.69 9.82
N LEU A 98 9.89 -5.67 10.18
CA LEU A 98 9.04 -6.86 10.12
C LEU A 98 8.55 -7.22 8.70
N GLY A 99 8.76 -6.35 7.72
CA GLY A 99 8.52 -6.67 6.32
C GLY A 99 7.05 -6.69 5.90
N PRO A 100 6.77 -7.21 4.70
CA PRO A 100 5.42 -7.13 4.10
C PRO A 100 4.28 -7.72 4.96
N LEU A 101 3.12 -7.07 4.92
CA LEU A 101 1.97 -7.47 5.75
C LEU A 101 1.47 -8.89 5.46
N ASN A 102 1.42 -9.28 4.18
CA ASN A 102 0.97 -10.63 3.83
C ASN A 102 1.90 -11.73 4.33
N LYS A 103 3.21 -11.54 4.15
CA LYS A 103 4.20 -12.52 4.62
C LYS A 103 4.17 -12.69 6.13
N TYR A 104 4.11 -11.56 6.83
CA TYR A 104 4.03 -11.58 8.29
C TYR A 104 2.84 -12.37 8.80
N LEU A 105 1.68 -12.16 8.18
CA LEU A 105 0.46 -12.85 8.59
C LEU A 105 0.45 -14.33 8.23
N GLN A 106 1.02 -14.67 7.07
CA GLN A 106 1.21 -16.06 6.66
C GLN A 106 1.96 -16.87 7.73
N GLN A 107 2.87 -16.20 8.46
CA GLN A 107 3.70 -16.85 9.44
C GLN A 107 3.35 -16.53 10.91
N ASN A 108 2.28 -15.78 11.14
CA ASN A 108 1.85 -15.40 12.48
C ASN A 108 0.33 -15.48 12.65
N ARG A 109 -0.16 -16.71 12.58
CA ARG A 109 -1.62 -16.99 12.59
C ARG A 109 -2.29 -16.77 13.94
N HIS A 110 -1.47 -16.62 14.98
CA HIS A 110 -1.93 -16.22 16.30
C HIS A 110 -2.37 -14.76 16.39
N VAL A 111 -1.99 -13.92 15.43
CA VAL A 111 -2.39 -12.51 15.41
C VAL A 111 -3.92 -12.41 15.51
N LYS A 112 -4.38 -11.51 16.39
CA LYS A 112 -5.79 -11.39 16.70
C LYS A 112 -6.49 -10.44 15.74
N ASP A 113 -7.73 -10.76 15.38
CA ASP A 113 -8.55 -9.86 14.56
C ASP A 113 -8.53 -8.40 15.04
N LYS A 114 -8.47 -8.19 16.36
CA LYS A 114 -8.26 -6.86 16.94
C LYS A 114 -7.01 -6.16 16.37
N ASN A 115 -5.93 -6.91 16.30
CA ASN A 115 -4.65 -6.47 15.75
C ASN A 115 -4.73 -6.16 14.24
N ILE A 116 -5.43 -7.02 13.50
CA ILE A 116 -5.60 -6.84 12.05
C ILE A 116 -6.41 -5.58 11.79
N ILE A 117 -7.49 -5.40 12.55
CA ILE A 117 -8.30 -4.20 12.47
C ILE A 117 -7.43 -2.97 12.68
N GLU A 118 -6.62 -3.01 13.73
CA GLU A 118 -5.67 -1.94 14.05
C GLU A 118 -4.77 -1.61 12.85
N LEU A 119 -4.18 -2.65 12.27
CA LEU A 119 -3.25 -2.44 11.16
C LEU A 119 -3.95 -1.89 9.92
N VAL A 120 -5.10 -2.45 9.54
CA VAL A 120 -5.80 -1.97 8.33
C VAL A 120 -6.35 -0.55 8.54
N HIS A 121 -6.76 -0.25 9.77
CA HIS A 121 -7.10 1.13 10.10
C HIS A 121 -5.92 2.10 9.85
N GLN A 122 -4.73 1.69 10.28
CA GLN A 122 -3.52 2.49 10.03
C GLN A 122 -3.31 2.72 8.53
N VAL A 123 -3.50 1.66 7.74
CA VAL A 123 -3.42 1.77 6.27
C VAL A 123 -4.47 2.78 5.76
N SER A 124 -5.68 2.76 6.32
CA SER A 124 -6.75 3.68 5.91
C SER A 124 -6.47 5.15 6.25
N MET A 125 -5.73 5.38 7.34
CA MET A 125 -5.29 6.74 7.71
C MET A 125 -4.25 7.26 6.73
N GLY A 126 -3.24 6.46 6.44
CA GLY A 126 -2.27 6.79 5.41
C GLY A 126 -2.92 7.10 4.06
N MET A 127 -3.93 6.32 3.69
CA MET A 127 -4.61 6.49 2.41
C MET A 127 -5.53 7.71 2.40
N LYS A 128 -6.20 7.93 3.53
CA LYS A 128 -6.96 9.17 3.78
C LYS A 128 -6.07 10.40 3.54
N TYR A 129 -4.87 10.39 4.10
CA TYR A 129 -3.88 11.43 3.86
C TYR A 129 -3.47 11.52 2.39
N LEU A 130 -3.19 10.37 1.78
CA LEU A 130 -2.84 10.34 0.35
C LEU A 130 -3.95 10.89 -0.53
N GLU A 131 -5.19 10.61 -0.14
CA GLU A 131 -6.35 11.12 -0.86
C GLU A 131 -6.48 12.63 -0.71
N GLU A 132 -6.20 13.14 0.49
CA GLU A 132 -6.17 14.59 0.75
C GLU A 132 -5.07 15.26 -0.06
N SER A 133 -3.93 14.58 -0.17
CA SER A 133 -2.79 15.08 -0.91
C SER A 133 -2.99 14.99 -2.43
N ASN A 134 -4.10 14.41 -2.86
CA ASN A 134 -4.41 14.19 -4.27
C ASN A 134 -3.37 13.34 -4.99
N PHE A 135 -2.97 12.26 -4.34
CA PHE A 135 -2.08 11.28 -4.95
C PHE A 135 -2.84 9.98 -5.05
N VAL A 136 -2.68 9.31 -6.19
CA VAL A 136 -3.17 7.93 -6.37
C VAL A 136 -1.98 6.98 -6.26
N HIS A 137 -2.15 5.93 -5.44
CA HIS A 137 -1.10 4.93 -5.23
C HIS A 137 -1.01 3.96 -6.40
N ARG A 138 -2.12 3.38 -6.78
CA ARG A 138 -2.23 2.46 -7.91
C ARG A 138 -1.62 1.07 -7.76
N ASP A 139 -1.17 0.71 -6.57
CA ASP A 139 -0.61 -0.58 -6.31
C ASP A 139 -0.81 -0.90 -4.85
N LEU A 140 -1.99 -0.66 -4.36
CA LEU A 140 -2.28 -0.91 -2.99
C LEU A 140 -2.66 -2.35 -2.78
N ALA A 141 -1.79 -3.04 -2.08
CA ALA A 141 -1.92 -4.45 -1.78
C ALA A 141 -1.24 -4.81 -0.45
N ALA A 142 -1.52 -5.97 0.10
CA ALA A 142 -0.92 -6.41 1.36
C ALA A 142 0.61 -6.54 1.28
N ARG A 143 1.12 -7.00 0.15
CA ARG A 143 2.57 -7.02 -0.13
C ARG A 143 3.27 -5.65 -0.02
N ASN A 144 2.51 -4.57 -0.22
CA ASN A 144 3.04 -3.22 -0.15
C ASN A 144 2.72 -2.49 1.16
N VAL A 145 2.28 -3.22 2.16
CA VAL A 145 2.15 -2.66 3.51
C VAL A 145 3.27 -3.28 4.33
N LEU A 146 4.14 -2.42 4.88
CA LEU A 146 5.31 -2.88 5.62
C LEU A 146 5.11 -2.60 7.11
N LEU A 147 5.49 -3.58 7.93
CA LEU A 147 5.29 -3.48 9.38
C LEU A 147 6.56 -2.98 10.07
N VAL A 148 6.42 -1.91 10.84
CA VAL A 148 7.49 -1.40 11.71
C VAL A 148 7.49 -2.27 12.97
N THR A 149 6.29 -2.45 13.54
CA THR A 149 6.05 -3.46 14.58
C THR A 149 4.77 -4.21 14.24
N GLN A 150 4.44 -5.19 15.07
CA GLN A 150 3.16 -5.87 14.99
C GLN A 150 1.95 -4.91 15.08
N HIS A 151 2.18 -3.71 15.62
CA HIS A 151 1.15 -2.71 15.82
C HIS A 151 1.42 -1.40 15.08
N TYR A 152 2.23 -1.46 14.03
CA TYR A 152 2.59 -0.26 13.27
C TYR A 152 2.90 -0.58 11.82
N ALA A 153 1.96 -0.22 10.94
CA ALA A 153 2.06 -0.49 9.52
C ALA A 153 2.31 0.81 8.74
N LYS A 154 3.06 0.68 7.64
CA LYS A 154 3.33 1.77 6.71
C LYS A 154 3.11 1.32 5.27
N ILE A 155 2.56 2.22 4.46
CA ILE A 155 2.33 2.01 3.03
C ILE A 155 3.64 2.26 2.29
N SER A 156 3.98 1.39 1.37
CA SER A 156 5.21 1.52 0.63
C SER A 156 4.95 1.38 -0.83
N ASP A 157 6.02 1.46 -1.63
CA ASP A 157 5.97 1.25 -3.06
C ASP A 157 5.13 2.18 -3.91
N PHE A 158 5.67 3.36 -4.16
CA PHE A 158 5.06 4.40 -4.92
C PHE A 158 5.46 4.47 -6.40
N GLY A 159 6.05 3.42 -6.92
CA GLY A 159 6.55 3.38 -8.28
C GLY A 159 5.48 3.55 -9.35
N LEU A 160 4.23 3.20 -9.02
CA LEU A 160 3.09 3.43 -9.91
C LEU A 160 2.26 4.65 -9.54
N SER A 161 2.68 5.40 -8.52
CA SER A 161 1.88 6.48 -7.98
C SER A 161 1.87 7.70 -8.89
N LYS A 162 0.81 8.48 -8.79
CA LYS A 162 0.61 9.67 -9.62
C LYS A 162 0.04 10.80 -8.79
N ALA A 163 0.62 11.99 -8.96
CA ALA A 163 0.04 13.21 -8.43
C ALA A 163 -1.07 13.59 -9.38
N LEU A 164 -2.28 13.82 -8.87
CA LEU A 164 -3.39 14.26 -9.72
C LEU A 164 -3.24 15.76 -10.01
N ARG A 165 -3.63 16.15 -11.22
CA ARG A 165 -3.68 17.57 -11.55
C ARG A 165 -4.71 18.24 -10.65
N ALA A 166 -4.48 19.52 -10.37
CA ALA A 166 -5.40 20.31 -9.55
C ALA A 166 -6.84 20.35 -10.05
N ASP A 167 -7.07 20.13 -11.35
CA ASP A 167 -8.41 20.21 -11.95
C ASP A 167 -9.08 18.86 -12.32
N GLU A 168 -8.50 17.75 -11.88
CA GLU A 168 -9.00 16.41 -12.21
C GLU A 168 -9.00 15.55 -10.96
N ASN A 169 -9.89 14.57 -10.90
CA ASN A 169 -9.90 13.61 -9.80
C ASN A 169 -9.50 12.20 -10.23
N TYR A 170 -9.00 12.04 -11.45
CA TYR A 170 -8.45 10.76 -11.86
C TYR A 170 -7.25 10.94 -12.77
N TYR A 171 -6.47 9.86 -12.87
CA TYR A 171 -5.35 9.74 -13.79
C TYR A 171 -5.71 8.72 -14.86
N LYS A 172 -5.41 9.04 -16.10
CA LYS A 172 -5.73 8.21 -17.24
C LYS A 172 -4.45 7.60 -17.81
N ALA A 173 -4.34 6.28 -17.74
CA ALA A 173 -3.16 5.57 -18.24
C ALA A 173 -3.16 5.49 -19.77
N LYS A 178 2.59 -3.92 -16.83
CA LYS A 178 2.02 -5.01 -16.06
C LYS A 178 1.19 -4.48 -14.90
N TRP A 179 -0.04 -4.98 -14.78
CA TRP A 179 -0.99 -4.48 -13.80
C TRP A 179 -1.47 -5.56 -12.83
N PRO A 180 -1.53 -5.24 -11.53
CA PRO A 180 -2.08 -6.17 -10.56
C PRO A 180 -3.61 -6.13 -10.66
N VAL A 181 -4.13 -6.74 -11.72
CA VAL A 181 -5.57 -6.71 -12.06
C VAL A 181 -6.48 -7.16 -10.93
N LYS A 182 -6.02 -8.10 -10.10
CA LYS A 182 -6.79 -8.59 -8.96
C LYS A 182 -7.01 -7.52 -7.88
N TRP A 183 -6.22 -6.44 -7.92
CA TRP A 183 -6.42 -5.29 -7.04
C TRP A 183 -7.13 -4.11 -7.73
N TYR A 184 -7.43 -4.24 -9.02
CA TYR A 184 -7.96 -3.12 -9.81
C TYR A 184 -9.48 -3.06 -9.89
N ALA A 185 -10.01 -1.85 -9.70
CA ALA A 185 -11.44 -1.59 -9.85
C ALA A 185 -11.86 -1.75 -11.31
N PRO A 186 -13.16 -2.01 -11.55
CA PRO A 186 -13.67 -2.18 -12.92
C PRO A 186 -13.32 -1.04 -13.86
N GLU A 187 -13.48 0.21 -13.41
CA GLU A 187 -13.17 1.38 -14.25
C GLU A 187 -11.69 1.49 -14.65
N CYS A 188 -10.78 0.94 -13.84
CA CYS A 188 -9.37 0.87 -14.20
C CYS A 188 -9.18 -0.06 -15.38
N ILE A 189 -9.82 -1.22 -15.28
CA ILE A 189 -9.82 -2.22 -16.35
C ILE A 189 -10.54 -1.72 -17.60
N ASN A 190 -11.76 -1.24 -17.43
CA ASN A 190 -12.60 -0.85 -18.57
C ASN A 190 -12.23 0.46 -19.22
N TYR A 191 -11.86 1.46 -18.42
CA TYR A 191 -11.59 2.83 -18.90
C TYR A 191 -10.21 3.38 -18.58
N TYR A 192 -9.37 2.62 -17.89
CA TYR A 192 -8.02 3.06 -17.51
C TYR A 192 -8.02 4.30 -16.62
N LYS A 193 -9.07 4.46 -15.81
CA LYS A 193 -9.21 5.62 -14.94
C LYS A 193 -8.84 5.24 -13.51
N PHE A 194 -7.78 5.87 -13.01
CA PHE A 194 -7.30 5.64 -11.65
C PHE A 194 -7.54 6.86 -10.77
N SER A 195 -8.27 6.66 -9.69
CA SER A 195 -8.54 7.69 -8.69
C SER A 195 -8.36 7.13 -7.27
N SER A 196 -8.57 8.00 -6.29
CA SER A 196 -8.57 7.56 -4.89
C SER A 196 -9.64 6.50 -4.62
N LYS A 197 -10.79 6.60 -5.30
CA LYS A 197 -11.82 5.56 -5.24
C LYS A 197 -11.34 4.22 -5.82
N SER A 198 -10.55 4.26 -6.90
CA SER A 198 -9.84 3.08 -7.41
C SER A 198 -8.93 2.50 -6.33
N ASP A 199 -8.17 3.35 -5.63
CA ASP A 199 -7.39 2.90 -4.48
C ASP A 199 -8.27 2.30 -3.37
N VAL A 200 -9.47 2.85 -3.16
CA VAL A 200 -10.42 2.27 -2.21
C VAL A 200 -10.78 0.82 -2.58
N TRP A 201 -11.02 0.55 -3.87
CA TRP A 201 -11.25 -0.82 -4.31
C TRP A 201 -10.08 -1.72 -3.88
N SER A 202 -8.87 -1.26 -4.12
CA SER A 202 -7.68 -2.05 -3.79
C SER A 202 -7.55 -2.28 -2.28
N PHE A 203 -7.88 -1.27 -1.49
CA PHE A 203 -7.91 -1.39 -0.03
C PHE A 203 -8.87 -2.51 0.41
N GLY A 204 -10.02 -2.60 -0.26
CA GLY A 204 -10.94 -3.71 -0.06
C GLY A 204 -10.27 -5.07 -0.20
N VAL A 205 -9.51 -5.23 -1.29
CA VAL A 205 -8.81 -6.47 -1.58
C VAL A 205 -7.72 -6.70 -0.53
N LEU A 206 -7.03 -5.61 -0.19
CA LEU A 206 -6.05 -5.62 0.87
C LEU A 206 -6.64 -6.11 2.21
N MET A 207 -7.81 -5.59 2.58
CA MET A 207 -8.46 -6.03 3.81
C MET A 207 -8.78 -7.51 3.78
N TRP A 208 -9.31 -8.01 2.65
CA TRP A 208 -9.54 -9.44 2.49
C TRP A 208 -8.24 -10.20 2.68
N GLU A 209 -7.16 -9.73 2.08
CA GLU A 209 -5.85 -10.38 2.24
C GLU A 209 -5.46 -10.45 3.72
N ALA A 210 -5.61 -9.34 4.43
CA ALA A 210 -5.20 -9.28 5.82
C ALA A 210 -6.00 -10.26 6.67
N PHE A 211 -7.31 -10.26 6.51
CA PHE A 211 -8.16 -11.18 7.26
C PHE A 211 -8.06 -12.64 6.81
N SER A 212 -7.50 -12.89 5.63
CA SER A 212 -7.13 -14.25 5.21
C SER A 212 -5.69 -14.60 5.57
N TYR A 213 -5.10 -13.86 6.50
CA TYR A 213 -3.69 -14.01 6.87
C TYR A 213 -2.75 -14.23 5.68
N GLY A 214 -2.81 -13.28 4.74
CA GLY A 214 -1.85 -13.21 3.63
C GLY A 214 -2.08 -14.18 2.49
N GLN A 215 -3.26 -14.79 2.46
CA GLN A 215 -3.68 -15.61 1.32
C GLN A 215 -3.89 -14.72 0.10
N LYS A 216 -3.58 -15.26 -1.07
CA LYS A 216 -3.72 -14.53 -2.34
C LYS A 216 -5.20 -14.44 -2.70
N PRO A 217 -5.64 -13.29 -3.26
CA PRO A 217 -7.04 -13.14 -3.66
C PRO A 217 -7.33 -13.85 -4.98
N TYR A 218 -8.59 -14.23 -5.22
CA TYR A 218 -8.97 -14.89 -6.47
C TYR A 218 -8.00 -16.03 -6.85
N ARG A 219 -7.71 -16.90 -5.89
CA ARG A 219 -6.76 -18.00 -6.11
C ARG A 219 -7.09 -18.79 -7.37
N GLY A 220 -6.05 -19.02 -8.19
CA GLY A 220 -6.17 -19.83 -9.39
C GLY A 220 -6.78 -19.19 -10.62
N MET A 221 -7.26 -17.96 -10.52
CA MET A 221 -7.98 -17.32 -11.62
C MET A 221 -7.07 -16.39 -12.41
N LYS A 222 -7.35 -16.29 -13.71
CA LYS A 222 -6.72 -15.30 -14.58
C LYS A 222 -7.45 -13.98 -14.45
N GLY A 223 -6.73 -12.87 -14.66
CA GLY A 223 -7.32 -11.52 -14.61
C GLY A 223 -8.63 -11.42 -15.34
N SER A 224 -8.70 -11.98 -16.55
CA SER A 224 -9.91 -11.95 -17.37
C SER A 224 -11.08 -12.69 -16.72
N GLU A 225 -10.79 -13.77 -16.00
CA GLU A 225 -11.82 -14.51 -15.26
C GLU A 225 -12.30 -13.73 -14.05
N VAL A 226 -11.37 -13.00 -13.42
CA VAL A 226 -11.71 -12.12 -12.31
C VAL A 226 -12.66 -11.02 -12.76
N THR A 227 -12.32 -10.38 -13.88
CA THR A 227 -13.18 -9.35 -14.47
C THR A 227 -14.59 -9.89 -14.70
N ALA A 228 -14.66 -11.12 -15.23
CA ALA A 228 -15.93 -11.80 -15.49
C ALA A 228 -16.71 -12.09 -14.21
N MET A 229 -16.01 -12.51 -13.15
CA MET A 229 -16.65 -12.76 -11.85
C MET A 229 -17.29 -11.47 -11.30
N LEU A 230 -16.51 -10.41 -11.23
CA LEU A 230 -16.94 -9.11 -10.70
C LEU A 230 -18.07 -8.49 -11.50
N GLU A 231 -18.05 -8.68 -12.82
CA GLU A 231 -19.11 -8.20 -13.70
C GLU A 231 -20.44 -8.93 -13.47
N LYS A 232 -20.40 -10.22 -13.12
CA LYS A 232 -21.58 -10.94 -12.66
C LYS A 232 -22.06 -10.51 -11.25
N GLY A 233 -21.31 -9.60 -10.61
CA GLY A 233 -21.64 -9.11 -9.29
C GLY A 233 -21.16 -10.00 -8.16
N GLU A 234 -20.31 -10.98 -8.47
CA GLU A 234 -19.79 -11.87 -7.45
C GLU A 234 -18.58 -11.24 -6.80
N ARG A 235 -18.36 -11.58 -5.53
CA ARG A 235 -17.27 -11.04 -4.75
C ARG A 235 -16.68 -12.18 -3.93
N MET A 236 -15.42 -12.04 -3.54
CA MET A 236 -14.79 -13.00 -2.62
C MET A 236 -15.58 -13.08 -1.32
N GLY A 237 -15.65 -14.28 -0.75
CA GLY A 237 -16.39 -14.53 0.48
C GLY A 237 -15.72 -14.01 1.74
N CYS A 238 -16.43 -14.11 2.85
CA CYS A 238 -15.97 -13.59 4.14
C CYS A 238 -14.92 -14.48 4.77
N PRO A 239 -13.66 -13.99 4.92
CA PRO A 239 -12.60 -14.84 5.50
C PRO A 239 -12.97 -15.46 6.84
N ALA A 240 -12.46 -16.67 7.10
CA ALA A 240 -12.65 -17.36 8.38
C ALA A 240 -12.32 -16.45 9.56
N GLY A 241 -13.30 -16.25 10.44
CA GLY A 241 -13.10 -15.45 11.65
C GLY A 241 -13.07 -13.94 11.46
N CYS A 242 -13.35 -13.47 10.24
CA CYS A 242 -13.35 -12.05 9.97
C CYS A 242 -14.64 -11.47 10.54
N PRO A 243 -14.54 -10.44 11.41
CA PRO A 243 -15.75 -9.83 11.92
C PRO A 243 -16.69 -9.40 10.80
N ARG A 244 -17.96 -9.71 10.96
CA ARG A 244 -18.95 -9.40 9.94
C ARG A 244 -18.91 -7.96 9.43
N GLU A 245 -18.77 -7.01 10.36
CA GLU A 245 -18.76 -5.59 10.02
C GLU A 245 -17.56 -5.20 9.14
N MET A 246 -16.46 -5.96 9.28
CA MET A 246 -15.28 -5.77 8.42
C MET A 246 -15.52 -6.28 7.02
N TYR A 247 -16.10 -7.47 6.89
CA TYR A 247 -16.46 -8.00 5.59
C TYR A 247 -17.44 -7.08 4.86
N ASP A 248 -18.40 -6.50 5.58
CA ASP A 248 -19.31 -5.52 4.99
C ASP A 248 -18.55 -4.32 4.44
N LEU A 249 -17.50 -3.89 5.16
CA LEU A 249 -16.67 -2.80 4.68
C LEU A 249 -15.94 -3.16 3.37
N MET A 250 -15.44 -4.39 3.29
CA MET A 250 -14.82 -4.91 2.07
C MET A 250 -15.78 -4.79 0.89
N ASN A 251 -17.01 -5.28 1.08
CA ASN A 251 -18.02 -5.24 0.02
C ASN A 251 -18.38 -3.82 -0.37
N LEU A 252 -18.35 -2.90 0.60
CA LEU A 252 -18.54 -1.51 0.29
C LEU A 252 -17.38 -0.94 -0.53
N CYS A 253 -16.16 -1.37 -0.23
CA CYS A 253 -14.99 -0.99 -1.05
C CYS A 253 -15.14 -1.52 -2.46
N TRP A 254 -15.80 -2.66 -2.58
CA TRP A 254 -16.05 -3.31 -3.87
C TRP A 254 -17.36 -2.88 -4.55
N THR A 255 -17.78 -1.63 -4.32
CA THR A 255 -18.91 -1.06 -5.03
C THR A 255 -18.48 -0.88 -6.48
N TYR A 256 -19.18 -1.54 -7.38
CA TYR A 256 -18.88 -1.47 -8.82
C TYR A 256 -18.84 -0.02 -9.32
N ASP A 257 -19.92 0.71 -9.07
CA ASP A 257 -20.03 2.10 -9.53
C ASP A 257 -19.14 3.02 -8.71
N VAL A 258 -18.12 3.60 -9.36
CA VAL A 258 -17.20 4.57 -8.72
C VAL A 258 -17.89 5.69 -7.98
N GLU A 259 -18.96 6.19 -8.58
CA GLU A 259 -19.71 7.31 -8.02
C GLU A 259 -20.29 6.97 -6.65
N ASN A 260 -20.78 5.74 -6.51
CA ASN A 260 -21.37 5.29 -5.25
C ASN A 260 -20.40 4.60 -4.30
N ARG A 261 -19.15 4.41 -4.73
CA ARG A 261 -18.12 3.85 -3.86
C ARG A 261 -17.62 4.92 -2.87
N PRO A 262 -17.41 4.54 -1.60
CA PRO A 262 -16.91 5.48 -0.58
C PRO A 262 -15.45 5.91 -0.80
N GLY A 263 -15.10 7.08 -0.26
CA GLY A 263 -13.73 7.58 -0.22
C GLY A 263 -13.05 7.16 1.07
N PHE A 264 -11.74 7.39 1.16
CA PHE A 264 -10.99 7.02 2.37
C PHE A 264 -11.41 7.79 3.64
N ALA A 265 -11.97 8.99 3.49
CA ALA A 265 -12.59 9.70 4.62
C ALA A 265 -13.64 8.81 5.28
N ALA A 266 -14.50 8.22 4.45
CA ALA A 266 -15.57 7.36 4.93
C ALA A 266 -15.09 5.95 5.34
N VAL A 267 -14.09 5.42 4.64
CA VAL A 267 -13.54 4.11 5.00
C VAL A 267 -12.80 4.22 6.33
N GLU A 268 -11.90 5.20 6.42
CA GLU A 268 -11.15 5.42 7.65
C GLU A 268 -12.09 5.66 8.83
N LEU A 269 -13.08 6.52 8.64
CA LEU A 269 -14.05 6.83 9.70
C LEU A 269 -14.77 5.59 10.22
N ARG A 270 -15.23 4.73 9.32
CA ARG A 270 -15.92 3.49 9.70
C ARG A 270 -15.00 2.51 10.44
N LEU A 271 -13.74 2.43 10.02
CA LEU A 271 -12.73 1.56 10.67
C LEU A 271 -12.37 2.05 12.06
N ARG A 272 -12.19 3.36 12.19
CA ARG A 272 -11.89 4.01 13.45
C ARG A 272 -12.98 3.71 14.47
N ASN A 273 -14.21 4.04 14.09
CA ASN A 273 -15.37 3.78 14.93
C ASN A 273 -15.41 2.34 15.43
N TYR A 274 -15.36 1.41 14.48
CA TYR A 274 -15.43 -0.01 14.81
C TYR A 274 -14.29 -0.42 15.74
N TYR A 275 -13.07 -0.03 15.39
CA TYR A 275 -11.90 -0.41 16.18
C TYR A 275 -12.00 0.01 17.65
N TYR A 276 -12.52 1.20 17.91
CA TYR A 276 -12.67 1.69 19.29
C TYR A 276 -13.93 1.21 19.98
N ASP A 277 -14.84 0.59 19.23
CA ASP A 277 -15.88 -0.27 19.80
C ASP A 277 -15.35 -1.66 20.13
N VAL A 278 -14.28 -2.05 19.43
CA VAL A 278 -13.46 -3.14 19.86
C VAL A 278 -12.55 -2.97 21.06
N VAL A 279 -11.76 -1.91 21.11
CA VAL A 279 -10.90 -1.72 22.28
C VAL A 279 -11.73 -1.45 23.49
N ASN A 280 -12.79 -0.69 23.32
CA ASN A 280 -13.55 -0.22 24.45
C ASN A 280 -14.14 -1.39 25.17
N LEU A 281 -14.57 -2.39 24.42
CA LEU A 281 -15.16 -3.60 24.98
C LEU A 281 -14.11 -4.49 25.62
#